data_3NRC
#
_entry.id   3NRC
#
_cell.length_a   123.080
_cell.length_b   85.120
_cell.length_c   51.760
_cell.angle_alpha   90.00
_cell.angle_beta   90.00
_cell.angle_gamma   90.00
#
_symmetry.space_group_name_H-M   'P 21 21 2'
#
loop_
_entity.id
_entity.type
_entity.pdbx_description
1 polymer 'Enoyl-[acyl-carrier-protein] reductase (NADH)'
2 non-polymer NICOTINAMIDE-ADENINE-DINUCLEOTIDE
3 non-polymer TRICLOSAN
4 water water
#
_entity_poly.entity_id   1
_entity_poly.type   'polypeptide(L)'
_entity_poly.pdbx_seq_one_letter_code
;MGSSHHHHHHSSGLVPRGSHMGFLAGKKILITGLLSNKSIAYGIAKAMHREGAELAFTYVGQFKDRVEKLCAEFNPAAVL
PCDVISDQEIKDLFVELGKVWDGLDAIVHSIAFAPRDQLEGNFIDCVTREGFSIAHDISAYSFAALAKEGRSMMKNRNAS
MVALTYIGAEKAMPSYNTMGVAKASLEATVRYTALALGEDGIKVNAVSAGPIKTLAASGISNFKKMLDYNAMVSPLKKNV
DIMEVGNTVAFLCSDMATGITGEVVHVDAGYHCVSMGNVL
;
_entity_poly.pdbx_strand_id   A,B
#
# COMPACT_ATOMS: atom_id res chain seq x y z
N GLY A 22 -7.21 2.87 36.40
CA GLY A 22 -6.74 2.48 35.09
C GLY A 22 -7.02 3.56 34.05
N PHE A 23 -6.08 3.82 33.15
CA PHE A 23 -6.30 4.89 32.18
C PHE A 23 -7.20 4.47 31.02
N LEU A 24 -7.74 3.26 31.10
CA LEU A 24 -8.79 2.81 30.18
C LEU A 24 -10.08 2.48 30.92
N ALA A 25 -10.17 2.88 32.19
CA ALA A 25 -11.31 2.50 33.04
C ALA A 25 -12.63 2.80 32.37
N GLY A 26 -13.49 1.78 32.26
CA GLY A 26 -14.80 1.94 31.67
C GLY A 26 -14.85 1.76 30.15
N LYS A 27 -13.70 1.89 29.49
CA LYS A 27 -13.68 1.89 28.04
C LYS A 27 -13.98 0.52 27.44
N LYS A 28 -14.84 0.50 26.42
CA LYS A 28 -15.24 -0.73 25.75
C LYS A 28 -14.43 -0.92 24.49
N ILE A 29 -13.58 -1.94 24.49
CA ILE A 29 -12.64 -2.15 23.40
C ILE A 29 -12.75 -3.56 22.80
N LEU A 30 -12.81 -3.63 21.48
CA LEU A 30 -12.86 -4.90 20.75
C LEU A 30 -11.45 -5.29 20.29
N ILE A 31 -11.01 -6.49 20.65
CA ILE A 31 -9.70 -6.95 20.25
C ILE A 31 -9.77 -8.11 19.25
N THR A 32 -9.20 -7.88 18.06
CA THR A 32 -9.09 -8.94 17.08
C THR A 32 -7.72 -9.58 17.18
N GLY A 33 -7.57 -10.74 16.58
CA GLY A 33 -6.27 -11.35 16.40
C GLY A 33 -5.73 -12.16 17.54
N LEU A 34 -6.55 -12.40 18.55
CA LEU A 34 -6.09 -13.20 19.67
C LEU A 34 -6.17 -14.67 19.27
N LEU A 35 -5.00 -15.30 19.19
CA LEU A 35 -4.93 -16.69 18.73
C LEU A 35 -4.23 -17.55 19.76
N SER A 36 -3.23 -16.99 20.43
CA SER A 36 -2.53 -17.75 21.45
C SER A 36 -1.93 -16.90 22.55
N ASN A 37 -1.28 -17.61 23.46
CA ASN A 37 -0.55 -17.08 24.59
C ASN A 37 0.48 -16.04 24.18
N LYS A 38 0.86 -16.12 22.90
CA LYS A 38 1.99 -15.37 22.40
C LYS A 38 1.54 -14.28 21.44
N SER A 39 0.27 -14.29 21.07
CA SER A 39 -0.23 -13.29 20.14
C SER A 39 0.04 -11.88 20.67
N ILE A 40 0.22 -10.94 19.75
CA ILE A 40 0.37 -9.56 20.14
C ILE A 40 -0.93 -9.10 20.79
N ALA A 41 -2.05 -9.57 20.24
CA ALA A 41 -3.37 -9.30 20.80
C ALA A 41 -3.49 -9.75 22.25
N TYR A 42 -2.66 -10.70 22.66
CA TYR A 42 -2.71 -11.17 24.03
C TYR A 42 -2.04 -10.15 24.95
N GLY A 43 -0.89 -9.64 24.50
CA GLY A 43 -0.21 -8.56 25.20
C GLY A 43 -1.08 -7.33 25.27
N ILE A 44 -1.79 -7.04 24.18
CA ILE A 44 -2.68 -5.89 24.16
C ILE A 44 -3.78 -6.08 25.19
N ALA A 45 -4.40 -7.25 25.17
CA ALA A 45 -5.45 -7.59 26.11
C ALA A 45 -5.00 -7.48 27.56
N LYS A 46 -3.86 -8.09 27.87
CA LYS A 46 -3.32 -7.99 29.23
C LYS A 46 -3.20 -6.55 29.69
N ALA A 47 -2.67 -5.71 28.81
CA ALA A 47 -2.40 -4.30 29.15
C ALA A 47 -3.69 -3.52 29.40
N MET A 48 -4.68 -3.70 28.52
CA MET A 48 -5.95 -3.00 28.64
C MET A 48 -6.83 -3.49 29.76
N HIS A 49 -6.66 -4.75 30.13
CA HIS A 49 -7.46 -5.30 31.22
C HIS A 49 -6.87 -4.74 32.51
N ARG A 50 -5.54 -4.65 32.54
CA ARG A 50 -4.86 -4.05 33.67
C ARG A 50 -5.32 -2.58 33.83
N GLU A 51 -5.61 -1.91 32.72
CA GLU A 51 -5.95 -0.48 32.76
C GLU A 51 -7.45 -0.18 32.85
N GLY A 52 -8.26 -1.21 33.11
CA GLY A 52 -9.66 -1.01 33.40
C GLY A 52 -10.61 -1.14 32.22
N ALA A 53 -10.11 -1.57 31.07
CA ALA A 53 -10.94 -1.76 29.89
C ALA A 53 -11.92 -2.91 30.02
N GLU A 54 -13.08 -2.75 29.40
CA GLU A 54 -14.00 -3.85 29.21
C GLU A 54 -13.82 -4.39 27.80
N LEU A 55 -13.56 -5.69 27.69
CA LEU A 55 -13.03 -6.28 26.45
C LEU A 55 -13.97 -7.25 25.75
N ALA A 56 -13.83 -7.30 24.42
CA ALA A 56 -14.49 -8.29 23.60
C ALA A 56 -13.45 -8.84 22.64
N PHE A 57 -13.64 -10.08 22.20
CA PHE A 57 -12.68 -10.72 21.31
C PHE A 57 -13.39 -11.38 20.17
N THR A 58 -12.71 -11.42 19.02
CA THR A 58 -13.20 -12.18 17.88
C THR A 58 -12.30 -13.39 17.63
N TYR A 59 -12.82 -14.37 16.92
CA TYR A 59 -12.04 -15.55 16.54
C TYR A 59 -12.47 -15.94 15.14
N VAL A 60 -11.65 -16.74 14.46
CA VAL A 60 -12.03 -17.27 13.16
C VAL A 60 -12.23 -18.78 13.25
N GLY A 61 -12.96 -19.33 12.28
CA GLY A 61 -13.01 -20.77 12.09
C GLY A 61 -13.36 -21.56 13.31
N GLN A 62 -12.48 -22.47 13.72
CA GLN A 62 -12.79 -23.41 14.78
C GLN A 62 -12.09 -23.06 16.08
N PHE A 63 -11.62 -21.84 16.20
CA PHE A 63 -10.86 -21.46 17.38
C PHE A 63 -11.71 -20.83 18.49
N LYS A 64 -13.02 -21.00 18.39
CA LYS A 64 -13.94 -20.45 19.39
C LYS A 64 -13.52 -20.90 20.79
N ASP A 65 -13.38 -22.21 20.98
CA ASP A 65 -13.02 -22.75 22.29
C ASP A 65 -11.63 -22.30 22.72
N ARG A 66 -10.69 -22.30 21.79
CA ARG A 66 -9.32 -21.90 22.09
C ARG A 66 -9.29 -20.46 22.59
N VAL A 67 -9.99 -19.57 21.88
CA VAL A 67 -10.01 -18.15 22.25
C VAL A 67 -10.80 -17.87 23.53
N GLU A 68 -11.96 -18.50 23.70
CA GLU A 68 -12.72 -18.34 24.94
C GLU A 68 -11.86 -18.74 26.14
N LYS A 69 -11.14 -19.84 26.01
CA LYS A 69 -10.24 -20.29 27.07
C LYS A 69 -9.11 -19.30 27.32
N LEU A 70 -8.60 -18.70 26.26
CA LEU A 70 -7.48 -17.77 26.37
C LEU A 70 -7.89 -16.47 27.01
N CYS A 71 -9.08 -15.99 26.69
CA CYS A 71 -9.47 -14.65 27.11
C CYS A 71 -10.39 -14.63 28.32
N ALA A 72 -10.55 -15.80 28.96
CA ALA A 72 -11.48 -15.93 30.10
C ALA A 72 -11.09 -15.04 31.27
N GLU A 73 -9.80 -15.04 31.59
CA GLU A 73 -9.24 -14.21 32.65
C GLU A 73 -9.52 -12.71 32.49
N PHE A 74 -9.90 -12.30 31.28
CA PHE A 74 -10.16 -10.89 31.00
C PHE A 74 -11.63 -10.53 31.20
N ASN A 75 -12.43 -11.51 31.61
CA ASN A 75 -13.86 -11.31 31.79
C ASN A 75 -14.49 -10.59 30.63
N PRO A 76 -14.37 -11.15 29.42
CA PRO A 76 -14.86 -10.44 28.22
C PRO A 76 -16.38 -10.32 28.21
N ALA A 77 -16.89 -9.27 27.58
CA ALA A 77 -18.33 -9.10 27.47
C ALA A 77 -18.87 -9.99 26.36
N ALA A 78 -17.98 -10.35 25.42
CA ALA A 78 -18.38 -11.14 24.27
C ALA A 78 -17.19 -11.74 23.53
N VAL A 79 -17.34 -12.99 23.12
CA VAL A 79 -16.36 -13.64 22.28
C VAL A 79 -17.05 -14.06 21.00
N LEU A 80 -16.81 -13.32 19.93
CA LEU A 80 -17.63 -13.38 18.73
C LEU A 80 -16.84 -13.83 17.50
N PRO A 81 -17.53 -14.54 16.59
CA PRO A 81 -16.93 -14.98 15.33
C PRO A 81 -16.75 -13.80 14.39
N CYS A 82 -15.61 -13.76 13.72
CA CYS A 82 -15.43 -12.78 12.65
C CYS A 82 -14.22 -13.10 11.82
N ASP A 83 -14.47 -13.66 10.63
CA ASP A 83 -13.45 -13.84 9.61
C ASP A 83 -13.54 -12.64 8.69
N VAL A 84 -12.50 -11.81 8.68
CA VAL A 84 -12.59 -10.54 7.97
C VAL A 84 -12.59 -10.69 6.45
N ILE A 85 -12.56 -11.91 5.96
CA ILE A 85 -12.76 -12.14 4.54
C ILE A 85 -14.22 -11.85 4.17
N SER A 86 -15.09 -11.87 5.17
CA SER A 86 -16.52 -11.69 4.94
C SER A 86 -17.08 -10.36 5.44
N ASP A 87 -17.70 -9.60 4.54
CA ASP A 87 -18.36 -8.36 4.95
C ASP A 87 -19.54 -8.61 5.90
N GLN A 88 -20.32 -9.65 5.64
CA GLN A 88 -21.51 -9.94 6.46
C GLN A 88 -21.14 -10.21 7.91
N GLU A 89 -20.13 -11.04 8.12
CA GLU A 89 -19.63 -11.32 9.46
C GLU A 89 -19.15 -10.04 10.16
N ILE A 90 -18.49 -9.16 9.44
CA ILE A 90 -18.05 -7.91 10.06
C ILE A 90 -19.26 -7.08 10.47
N LYS A 91 -20.27 -7.09 9.61
CA LYS A 91 -21.51 -6.38 9.87
C LYS A 91 -22.24 -6.98 11.09
N ASP A 92 -22.36 -8.30 11.12
CA ASP A 92 -23.07 -8.96 12.20
C ASP A 92 -22.31 -8.83 13.52
N LEU A 93 -20.99 -8.74 13.45
CA LEU A 93 -20.16 -8.55 14.63
C LEU A 93 -20.62 -7.33 15.39
N PHE A 94 -20.83 -6.23 14.67
CA PHE A 94 -21.16 -4.99 15.34
C PHE A 94 -22.62 -4.89 15.77
N VAL A 95 -23.48 -5.68 15.11
CA VAL A 95 -24.87 -5.78 15.52
C VAL A 95 -24.99 -6.48 16.86
N GLU A 96 -24.23 -7.57 17.01
CA GLU A 96 -24.17 -8.34 18.25
C GLU A 96 -23.51 -7.53 19.36
N LEU A 97 -22.47 -6.78 19.00
CA LEU A 97 -21.77 -5.93 19.95
C LEU A 97 -22.72 -4.84 20.42
N GLY A 98 -23.53 -4.34 19.51
CA GLY A 98 -24.51 -3.32 19.84
C GLY A 98 -25.56 -3.82 20.81
N LYS A 99 -25.56 -5.12 21.09
CA LYS A 99 -26.50 -5.71 22.03
C LYS A 99 -25.96 -5.77 23.45
N VAL A 100 -24.64 -5.72 23.60
CA VAL A 100 -24.06 -5.69 24.93
C VAL A 100 -23.59 -4.30 25.30
N TRP A 101 -23.23 -3.51 24.29
CA TRP A 101 -22.65 -2.19 24.51
C TRP A 101 -23.46 -1.07 23.84
N ASP A 102 -23.64 0.03 24.55
CA ASP A 102 -24.33 1.21 24.03
C ASP A 102 -23.47 1.96 23.01
N GLY A 103 -22.18 1.65 22.99
CA GLY A 103 -21.23 2.41 22.19
C GLY A 103 -19.86 1.78 22.31
N LEU A 104 -19.03 2.03 21.31
CA LEU A 104 -17.73 1.40 21.27
C LEU A 104 -16.65 2.47 21.42
N ASP A 105 -15.68 2.22 22.29
CA ASP A 105 -14.57 3.14 22.47
C ASP A 105 -13.35 2.88 21.54
N ALA A 106 -13.07 1.63 21.22
CA ALA A 106 -11.92 1.35 20.36
C ALA A 106 -11.96 -0.01 19.66
N ILE A 107 -11.30 -0.07 18.51
CA ILE A 107 -11.12 -1.30 17.79
C ILE A 107 -9.62 -1.56 17.64
N VAL A 108 -9.16 -2.71 18.10
CA VAL A 108 -7.77 -3.12 17.94
C VAL A 108 -7.71 -4.11 16.77
N HIS A 109 -7.10 -3.68 15.68
CA HIS A 109 -6.89 -4.52 14.50
C HIS A 109 -5.52 -5.18 14.66
N SER A 110 -5.49 -6.49 14.87
CA SER A 110 -4.23 -7.21 15.07
C SER A 110 -4.29 -8.49 14.26
N ILE A 111 -4.37 -8.32 12.95
CA ILE A 111 -4.74 -9.37 12.02
C ILE A 111 -4.08 -9.11 10.67
N ALA A 112 -3.49 -10.16 10.10
CA ALA A 112 -2.95 -10.12 8.76
C ALA A 112 -2.94 -11.52 8.17
N PHE A 113 -2.94 -11.62 6.85
CA PHE A 113 -2.77 -12.90 6.19
C PHE A 113 -2.30 -12.73 4.75
N ALA A 114 -1.42 -13.62 4.33
CA ALA A 114 -1.09 -13.78 2.92
C ALA A 114 -0.75 -15.25 2.76
N PRO A 115 -1.03 -15.81 1.57
CA PRO A 115 -0.72 -17.23 1.31
C PRO A 115 0.77 -17.50 1.45
N ARG A 116 1.13 -18.68 1.95
CA ARG A 116 2.51 -19.00 2.24
C ARG A 116 3.45 -18.75 1.06
N ASP A 117 2.98 -19.03 -0.15
CA ASP A 117 3.83 -18.87 -1.32
C ASP A 117 4.20 -17.41 -1.59
N GLN A 118 3.56 -16.50 -0.86
CA GLN A 118 3.84 -15.08 -0.99
C GLN A 118 4.89 -14.60 0.00
N LEU A 119 5.43 -15.52 0.81
CA LEU A 119 6.35 -15.13 1.87
C LEU A 119 7.68 -15.87 1.83
N GLU A 120 8.03 -16.39 0.66
CA GLU A 120 9.27 -17.12 0.53
C GLU A 120 9.95 -16.76 -0.78
N GLY A 121 11.27 -16.64 -0.75
CA GLY A 121 12.03 -16.41 -1.97
C GLY A 121 11.95 -15.01 -2.54
N ASN A 122 12.32 -14.91 -3.82
CA ASN A 122 12.34 -13.65 -4.56
C ASN A 122 10.92 -13.11 -4.70
N PHE A 123 10.73 -11.83 -4.42
CA PHE A 123 9.40 -11.24 -4.51
C PHE A 123 8.76 -11.39 -5.89
N ILE A 124 9.53 -11.14 -6.95
CA ILE A 124 8.95 -11.22 -8.29
C ILE A 124 8.66 -12.65 -8.70
N ASP A 125 9.50 -13.59 -8.24
CA ASP A 125 9.20 -15.01 -8.46
C ASP A 125 7.89 -15.42 -7.80
N CYS A 126 7.70 -14.99 -6.56
CA CYS A 126 6.61 -15.48 -5.74
CA CYS A 126 6.59 -15.49 -5.76
C CYS A 126 5.28 -14.76 -5.96
N VAL A 127 5.33 -13.48 -6.31
CA VAL A 127 4.09 -12.71 -6.40
C VAL A 127 3.08 -13.28 -7.41
N THR A 128 1.81 -13.32 -7.00
CA THR A 128 0.72 -13.68 -7.89
C THR A 128 -0.41 -12.68 -7.73
N ARG A 129 -1.29 -12.60 -8.73
CA ARG A 129 -2.37 -11.63 -8.69
C ARG A 129 -3.25 -11.89 -7.50
N GLU A 130 -3.49 -13.17 -7.25
CA GLU A 130 -4.45 -13.62 -6.28
C GLU A 130 -3.89 -13.49 -4.88
N GLY A 131 -2.62 -13.89 -4.72
CA GLY A 131 -1.92 -13.78 -3.45
C GLY A 131 -1.79 -12.33 -3.05
N PHE A 132 -1.57 -11.48 -4.03
CA PHE A 132 -1.53 -10.03 -3.83
C PHE A 132 -2.90 -9.58 -3.33
N SER A 133 -3.94 -9.94 -4.07
CA SER A 133 -5.29 -9.56 -3.76
C SER A 133 -5.69 -10.00 -2.34
N ILE A 134 -5.34 -11.23 -1.98
CA ILE A 134 -5.75 -11.80 -0.71
C ILE A 134 -5.00 -11.12 0.43
N ALA A 135 -3.70 -10.95 0.26
CA ALA A 135 -2.90 -10.26 1.26
C ALA A 135 -3.50 -8.88 1.58
N HIS A 136 -3.86 -8.12 0.55
CA HIS A 136 -4.36 -6.77 0.76
C HIS A 136 -5.75 -6.80 1.36
N ASP A 137 -6.52 -7.81 0.97
CA ASP A 137 -7.91 -7.87 1.36
C ASP A 137 -8.06 -8.11 2.87
N ILE A 138 -7.25 -9.01 3.42
CA ILE A 138 -7.31 -9.38 4.81
C ILE A 138 -6.40 -8.51 5.69
N SER A 139 -5.25 -8.12 5.15
CA SER A 139 -4.27 -7.39 5.96
C SER A 139 -4.52 -5.89 5.97
N ALA A 140 -5.18 -5.40 4.94
CA ALA A 140 -5.37 -3.97 4.82
C ALA A 140 -6.83 -3.58 4.70
N TYR A 141 -7.55 -4.13 3.71
CA TYR A 141 -8.94 -3.72 3.55
C TYR A 141 -9.76 -3.96 4.81
N SER A 142 -9.48 -5.05 5.50
CA SER A 142 -10.26 -5.44 6.67
C SER A 142 -10.23 -4.38 7.77
N PHE A 143 -9.19 -3.54 7.78
CA PHE A 143 -9.10 -2.43 8.73
C PHE A 143 -10.16 -1.37 8.44
N ALA A 144 -10.31 -0.99 7.17
CA ALA A 144 -11.30 0.02 6.78
C ALA A 144 -12.70 -0.55 6.90
N ALA A 145 -12.81 -1.87 6.75
CA ALA A 145 -14.11 -2.53 6.84
C ALA A 145 -14.62 -2.49 8.28
N LEU A 146 -13.75 -2.81 9.23
CA LEU A 146 -14.08 -2.67 10.65
C LEU A 146 -14.46 -1.23 10.95
N ALA A 147 -13.73 -0.29 10.37
CA ALA A 147 -14.00 1.13 10.61
C ALA A 147 -15.38 1.49 10.11
N LYS A 148 -15.71 0.97 8.93
CA LYS A 148 -16.98 1.29 8.30
C LYS A 148 -18.16 0.85 9.14
N GLU A 149 -18.11 -0.38 9.64
CA GLU A 149 -19.23 -0.95 10.38
C GLU A 149 -19.26 -0.58 11.85
N GLY A 150 -18.10 -0.23 12.40
CA GLY A 150 -18.01 0.16 13.80
C GLY A 150 -18.27 1.64 14.01
N ARG A 151 -18.08 2.41 12.95
CA ARG A 151 -18.17 3.88 13.00
C ARG A 151 -19.35 4.42 13.81
N SER A 152 -20.53 3.88 13.61
CA SER A 152 -21.70 4.45 14.29
C SER A 152 -21.66 4.27 15.81
N MET A 153 -21.12 3.15 16.28
CA MET A 153 -20.96 2.93 17.72
C MET A 153 -19.83 3.76 18.35
N MET A 154 -18.91 4.27 17.52
CA MET A 154 -17.72 4.97 18.02
C MET A 154 -17.86 6.48 17.93
N LYS A 155 -18.92 6.93 17.28
CA LYS A 155 -19.12 8.35 17.04
C LYS A 155 -19.11 9.15 18.34
N ASN A 156 -18.27 10.18 18.39
CA ASN A 156 -18.33 11.21 19.43
C ASN A 156 -18.07 10.77 20.88
N ARG A 157 -17.09 9.90 21.09
CA ARG A 157 -16.68 9.53 22.45
C ARG A 157 -15.16 9.42 22.59
N ASN A 158 -14.41 10.25 21.87
CA ASN A 158 -12.95 10.10 21.84
C ASN A 158 -12.57 8.66 21.57
N ALA A 159 -13.23 8.05 20.59
CA ALA A 159 -12.96 6.66 20.25
C ALA A 159 -11.62 6.54 19.52
N SER A 160 -11.15 5.31 19.32
CA SER A 160 -9.81 5.06 18.81
C SER A 160 -9.76 3.80 17.96
N MET A 161 -8.86 3.77 16.99
CA MET A 161 -8.55 2.53 16.29
C MET A 161 -7.04 2.36 16.27
N VAL A 162 -6.56 1.14 16.49
CA VAL A 162 -5.14 0.87 16.30
C VAL A 162 -4.95 -0.37 15.46
N ALA A 163 -4.06 -0.29 14.48
CA ALA A 163 -3.69 -1.45 13.69
C ALA A 163 -2.24 -1.83 13.99
N LEU A 164 -1.90 -3.08 13.77
CA LEU A 164 -0.51 -3.51 13.85
C LEU A 164 0.15 -3.65 12.49
N THR A 165 1.31 -3.02 12.35
CA THR A 165 2.03 -3.00 11.09
C THR A 165 3.46 -3.42 11.32
N TYR A 166 4.30 -3.32 10.29
CA TYR A 166 5.69 -3.75 10.38
C TYR A 166 6.55 -2.97 9.37
N ILE A 167 7.81 -2.79 9.71
CA ILE A 167 8.69 -1.92 8.93
C ILE A 167 8.84 -2.36 7.47
N GLY A 168 8.45 -3.60 7.19
CA GLY A 168 8.41 -4.11 5.82
C GLY A 168 7.46 -3.31 4.94
N ALA A 169 6.63 -2.48 5.54
CA ALA A 169 5.80 -1.53 4.80
C ALA A 169 6.65 -0.40 4.22
N GLU A 170 7.67 0.01 4.97
CA GLU A 170 8.47 1.19 4.65
C GLU A 170 9.64 0.86 3.74
N LYS A 171 10.27 -0.28 4.01
CA LYS A 171 11.47 -0.71 3.32
C LYS A 171 11.24 -2.11 2.77
N ALA A 172 11.87 -2.41 1.65
CA ALA A 172 11.85 -3.78 1.16
C ALA A 172 12.83 -4.64 1.95
N MET A 173 12.46 -5.89 2.18
CA MET A 173 13.36 -6.81 2.86
C MET A 173 13.10 -8.21 2.34
N PRO A 174 14.07 -9.11 2.53
CA PRO A 174 13.89 -10.46 2.00
C PRO A 174 12.71 -11.20 2.63
N SER A 175 11.97 -11.95 1.81
CA SER A 175 10.93 -12.87 2.29
C SER A 175 9.58 -12.23 2.61
N TYR A 176 9.59 -11.08 3.27
CA TYR A 176 8.33 -10.47 3.70
C TYR A 176 7.45 -10.20 2.50
N ASN A 177 8.09 -9.84 1.40
CA ASN A 177 7.46 -9.84 0.09
C ASN A 177 6.07 -9.21 0.06
N THR A 178 5.08 -9.97 -0.37
CA THR A 178 3.74 -9.42 -0.54
C THR A 178 3.15 -8.84 0.76
N MET A 179 3.46 -9.44 1.91
CA MET A 179 2.97 -8.86 3.18
C MET A 179 3.51 -7.44 3.38
N GLY A 180 4.77 -7.23 3.01
CA GLY A 180 5.38 -5.92 3.05
C GLY A 180 4.56 -4.91 2.28
N VAL A 181 4.13 -5.30 1.07
CA VAL A 181 3.30 -4.42 0.25
C VAL A 181 1.93 -4.17 0.88
N ALA A 182 1.32 -5.24 1.39
CA ALA A 182 0.01 -5.12 2.03
C ALA A 182 0.08 -4.25 3.28
N LYS A 183 1.20 -4.34 4.00
CA LYS A 183 1.42 -3.48 5.17
C LYS A 183 1.55 -2.01 4.77
N ALA A 184 2.14 -1.73 3.61
CA ALA A 184 2.19 -0.35 3.13
C ALA A 184 0.79 0.16 2.79
N SER A 185 0.00 -0.73 2.20
CA SER A 185 -1.41 -0.45 1.95
C SER A 185 -2.18 -0.24 3.25
N LEU A 186 -1.92 -1.06 4.24
CA LEU A 186 -2.57 -0.87 5.54
C LEU A 186 -2.24 0.49 6.19
N GLU A 187 -0.97 0.88 6.17
CA GLU A 187 -0.58 2.17 6.76
C GLU A 187 -1.23 3.38 6.06
N ALA A 188 -1.34 3.33 4.73
CA ALA A 188 -2.09 4.36 4.01
C ALA A 188 -3.57 4.33 4.37
N THR A 189 -4.12 3.13 4.54
CA THR A 189 -5.52 2.99 4.93
C THR A 189 -5.71 3.61 6.31
N VAL A 190 -4.75 3.39 7.18
CA VAL A 190 -4.79 4.04 8.50
C VAL A 190 -4.87 5.55 8.38
N ARG A 191 -4.10 6.14 7.47
CA ARG A 191 -4.13 7.59 7.28
C ARG A 191 -5.48 8.08 6.72
N TYR A 192 -5.94 7.49 5.62
CA TYR A 192 -7.24 7.87 5.06
C TYR A 192 -8.40 7.63 6.02
N THR A 193 -8.33 6.55 6.78
CA THR A 193 -9.34 6.30 7.81
C THR A 193 -9.28 7.38 8.88
N ALA A 194 -8.07 7.79 9.27
CA ALA A 194 -7.91 8.84 10.28
C ALA A 194 -8.53 10.14 9.81
N LEU A 195 -8.39 10.40 8.50
CA LEU A 195 -8.93 11.62 7.90
C LEU A 195 -10.45 11.57 7.87
N ALA A 196 -10.97 10.41 7.47
CA ALA A 196 -12.41 10.18 7.34
C ALA A 196 -13.15 10.16 8.68
N LEU A 197 -12.52 9.63 9.73
CA LEU A 197 -13.20 9.43 11.02
C LEU A 197 -12.94 10.54 12.04
N GLY A 198 -12.02 11.42 11.69
CA GLY A 198 -11.61 12.49 12.59
C GLY A 198 -12.74 13.37 13.03
N GLU A 199 -13.65 13.69 12.11
CA GLU A 199 -14.79 14.57 12.40
C GLU A 199 -15.71 13.95 13.45
N ASP A 200 -15.60 12.64 13.61
CA ASP A 200 -16.35 11.90 14.64
C ASP A 200 -15.57 11.73 15.94
N GLY A 201 -14.46 12.44 16.09
CA GLY A 201 -13.65 12.38 17.30
C GLY A 201 -12.86 11.08 17.44
N ILE A 202 -12.75 10.34 16.34
CA ILE A 202 -12.10 9.05 16.37
C ILE A 202 -10.67 9.16 15.90
N LYS A 203 -9.73 8.71 16.71
CA LYS A 203 -8.32 8.76 16.34
C LYS A 203 -7.92 7.39 15.84
N VAL A 204 -7.02 7.38 14.84
CA VAL A 204 -6.72 6.18 14.09
C VAL A 204 -5.21 6.08 13.89
N ASN A 205 -4.60 5.02 14.40
CA ASN A 205 -3.15 4.96 14.44
C ASN A 205 -2.65 3.54 14.22
N ALA A 206 -1.34 3.38 14.13
CA ALA A 206 -0.75 2.06 14.01
C ALA A 206 0.47 1.93 14.91
N VAL A 207 0.72 0.71 15.35
CA VAL A 207 1.94 0.41 16.07
C VAL A 207 2.84 -0.46 15.20
N SER A 208 4.03 0.03 14.89
CA SER A 208 4.96 -0.75 14.08
C SER A 208 5.84 -1.57 15.01
N ALA A 209 5.51 -2.84 15.17
CA ALA A 209 6.21 -3.70 16.12
C ALA A 209 7.45 -4.35 15.53
N GLY A 210 8.49 -4.51 16.35
CA GLY A 210 9.64 -5.29 15.94
C GLY A 210 9.25 -6.76 15.92
N PRO A 211 10.12 -7.61 15.38
CA PRO A 211 9.79 -9.04 15.31
C PRO A 211 9.56 -9.63 16.70
N ILE A 212 8.45 -10.36 16.87
CA ILE A 212 8.19 -11.09 18.10
C ILE A 212 7.76 -12.50 17.75
N LYS A 213 8.19 -13.46 18.55
CA LYS A 213 7.95 -14.87 18.24
C LYS A 213 6.51 -15.27 18.49
N THR A 214 5.69 -15.23 17.44
CA THR A 214 4.28 -15.58 17.54
C THR A 214 3.98 -16.74 16.59
N LEU A 215 2.75 -17.24 16.60
CA LEU A 215 2.38 -18.33 15.69
C LEU A 215 2.56 -17.93 14.23
N ALA A 216 2.15 -16.70 13.91
CA ALA A 216 2.27 -16.20 12.54
C ALA A 216 3.72 -16.12 12.11
N ALA A 217 4.61 -15.75 13.03
CA ALA A 217 6.03 -15.63 12.72
C ALA A 217 6.60 -16.90 12.08
N SER A 218 5.90 -18.01 12.25
CA SER A 218 6.31 -19.28 11.66
C SER A 218 6.26 -19.20 10.13
N GLY A 219 5.29 -18.44 9.62
CA GLY A 219 5.10 -18.32 8.19
C GLY A 219 6.14 -17.44 7.54
N ILE A 220 7.00 -16.84 8.35
CA ILE A 220 8.09 -16.00 7.85
C ILE A 220 9.38 -16.82 7.81
N SER A 221 9.80 -17.19 6.60
CA SER A 221 10.91 -18.13 6.43
C SER A 221 12.20 -17.65 7.12
N ASN A 222 12.46 -16.35 7.05
CA ASN A 222 13.66 -15.81 7.64
C ASN A 222 13.39 -15.11 8.98
N PHE A 223 12.50 -15.66 9.79
CA PHE A 223 12.12 -14.97 11.01
C PHE A 223 13.20 -14.96 12.09
N LYS A 224 13.83 -16.10 12.35
CA LYS A 224 14.88 -16.18 13.35
C LYS A 224 16.04 -15.28 12.93
N LYS A 225 16.17 -15.09 11.62
CA LYS A 225 17.13 -14.14 11.10
C LYS A 225 16.75 -12.73 11.57
N MET A 226 15.53 -12.31 11.26
CA MET A 226 15.11 -10.96 11.62
C MET A 226 15.25 -10.71 13.12
N LEU A 227 14.79 -11.67 13.93
CA LEU A 227 14.78 -11.52 15.37
C LEU A 227 16.19 -11.29 15.92
N ASP A 228 17.13 -12.10 15.48
CA ASP A 228 18.50 -11.99 15.97
C ASP A 228 19.14 -10.71 15.43
N TYR A 229 18.83 -10.38 14.19
CA TYR A 229 19.35 -9.17 13.61
C TYR A 229 18.90 -7.97 14.41
N ASN A 230 17.61 -7.90 14.72
CA ASN A 230 17.07 -6.78 15.47
C ASN A 230 17.75 -6.53 16.80
N ALA A 231 17.99 -7.61 17.55
CA ALA A 231 18.56 -7.50 18.89
C ALA A 231 19.99 -6.99 18.84
N MET A 232 20.68 -7.34 17.76
CA MET A 232 22.08 -6.98 17.62
C MET A 232 22.25 -5.55 17.13
N VAL A 233 21.32 -5.09 16.32
CA VAL A 233 21.47 -3.84 15.61
C VAL A 233 20.74 -2.67 16.25
N SER A 234 19.65 -2.94 16.93
CA SER A 234 18.83 -1.88 17.50
C SER A 234 19.57 -1.20 18.65
N PRO A 235 19.33 0.11 18.84
CA PRO A 235 19.97 0.89 19.91
C PRO A 235 19.82 0.26 21.29
N LEU A 236 18.66 -0.30 21.59
CA LEU A 236 18.45 -0.83 22.93
C LEU A 236 18.96 -2.26 23.04
N LYS A 237 19.54 -2.75 21.94
CA LYS A 237 20.21 -4.04 21.94
C LYS A 237 19.32 -5.11 22.54
N LYS A 238 18.10 -5.22 22.02
CA LYS A 238 17.15 -6.17 22.55
C LYS A 238 16.00 -6.35 21.59
N ASN A 239 15.20 -7.38 21.84
CA ASN A 239 13.95 -7.60 21.13
C ASN A 239 12.81 -7.05 21.97
N VAL A 240 11.74 -6.63 21.32
CA VAL A 240 10.57 -6.15 22.04
C VAL A 240 9.71 -7.32 22.47
N ASP A 241 8.80 -7.09 23.40
CA ASP A 241 7.89 -8.14 23.84
C ASP A 241 6.45 -7.68 23.70
N ILE A 242 5.49 -8.59 23.88
CA ILE A 242 4.10 -8.24 23.67
C ILE A 242 3.53 -7.22 24.65
N MET A 243 4.11 -7.12 25.83
CA MET A 243 3.67 -6.10 26.80
C MET A 243 4.10 -4.70 26.38
N GLU A 244 5.34 -4.57 25.91
CA GLU A 244 5.79 -3.32 25.31
C GLU A 244 4.85 -2.88 24.18
N VAL A 245 4.47 -3.81 23.31
CA VAL A 245 3.58 -3.46 22.21
C VAL A 245 2.17 -3.19 22.74
N GLY A 246 1.74 -4.03 23.69
CA GLY A 246 0.40 -3.91 24.26
C GLY A 246 0.17 -2.64 25.04
N ASN A 247 1.13 -2.27 25.87
CA ASN A 247 1.06 -1.02 26.60
C ASN A 247 0.91 0.15 25.66
N THR A 248 1.68 0.13 24.58
CA THR A 248 1.65 1.23 23.63
C THR A 248 0.29 1.30 22.95
N VAL A 249 -0.21 0.16 22.51
CA VAL A 249 -1.56 0.10 21.94
C VAL A 249 -2.61 0.59 22.96
N ALA A 250 -2.49 0.13 24.20
CA ALA A 250 -3.38 0.65 25.25
C ALA A 250 -3.31 2.18 25.35
N PHE A 251 -2.11 2.75 25.36
CA PHE A 251 -1.96 4.20 25.40
C PHE A 251 -2.71 4.87 24.25
N LEU A 252 -2.58 4.29 23.06
CA LEU A 252 -3.16 4.87 21.85
C LEU A 252 -4.70 4.73 21.82
N CYS A 253 -5.26 4.07 22.83
CA CYS A 253 -6.71 4.02 22.98
C CYS A 253 -7.18 4.85 24.17
N SER A 254 -6.26 5.61 24.76
CA SER A 254 -6.58 6.36 25.99
C SER A 254 -6.84 7.82 25.70
N ASP A 255 -7.46 8.49 26.66
CA ASP A 255 -7.71 9.92 26.58
C ASP A 255 -6.41 10.75 26.53
N MET A 256 -5.31 10.17 26.98
CA MET A 256 -4.02 10.86 26.92
C MET A 256 -3.54 11.05 25.48
N ALA A 257 -4.02 10.21 24.57
CA ALA A 257 -3.52 10.24 23.20
C ALA A 257 -4.47 10.94 22.22
N THR A 258 -5.44 11.69 22.71
CA THR A 258 -6.42 12.32 21.82
C THR A 258 -5.84 13.39 20.89
N GLY A 259 -4.54 13.66 21.01
CA GLY A 259 -3.89 14.58 20.08
C GLY A 259 -3.23 13.83 18.93
N ILE A 260 -3.27 12.51 18.98
CA ILE A 260 -2.51 11.69 18.05
C ILE A 260 -3.43 10.92 17.10
N THR A 261 -3.23 11.11 15.80
CA THR A 261 -3.97 10.30 14.84
C THR A 261 -3.21 10.26 13.53
N GLY A 262 -3.41 9.18 12.77
CA GLY A 262 -2.70 8.95 11.52
C GLY A 262 -1.24 8.64 11.76
N GLU A 263 -0.88 8.35 13.01
CA GLU A 263 0.52 8.16 13.35
C GLU A 263 0.91 6.70 13.28
N VAL A 264 2.18 6.43 12.99
CA VAL A 264 2.73 5.10 13.19
C VAL A 264 3.82 5.16 14.26
N VAL A 265 3.64 4.40 15.32
CA VAL A 265 4.60 4.39 16.42
C VAL A 265 5.41 3.12 16.34
N HIS A 266 6.73 3.25 16.24
CA HIS A 266 7.59 2.09 16.24
C HIS A 266 7.89 1.61 17.65
N VAL A 267 7.53 0.35 17.89
CA VAL A 267 7.85 -0.31 19.12
C VAL A 267 8.76 -1.46 18.72
N ASP A 268 10.04 -1.13 18.58
CA ASP A 268 10.99 -2.05 17.95
C ASP A 268 12.39 -1.90 18.53
N ALA A 269 12.47 -1.32 19.72
CA ALA A 269 13.75 -1.17 20.38
C ALA A 269 14.65 -0.22 19.58
N GLY A 270 14.02 0.62 18.76
CA GLY A 270 14.74 1.63 18.01
C GLY A 270 15.24 1.22 16.65
N TYR A 271 15.01 -0.03 16.27
CA TYR A 271 15.47 -0.54 14.98
C TYR A 271 15.22 0.43 13.83
N HIS A 272 14.04 1.03 13.80
CA HIS A 272 13.65 1.91 12.71
C HIS A 272 14.58 3.11 12.49
N CYS A 273 15.27 3.59 13.53
CA CYS A 273 15.96 4.87 13.43
C CYS A 273 17.42 4.75 13.01
N VAL A 274 17.92 3.52 12.94
CA VAL A 274 19.34 3.30 12.67
C VAL A 274 19.62 2.72 11.29
N SER A 275 20.87 2.84 10.86
CA SER A 275 21.32 2.23 9.60
C SER A 275 22.73 1.70 9.80
N MET A 276 22.90 0.39 9.59
CA MET A 276 24.17 -0.32 9.85
C MET A 276 24.30 -0.80 11.29
N GLY A 277 25.05 -1.87 11.47
CA GLY A 277 25.32 -2.43 12.78
C GLY A 277 26.11 -3.73 12.68
N GLY B 22 21.36 11.19 -28.52
CA GLY B 22 20.37 11.08 -27.44
C GLY B 22 20.79 10.10 -26.36
N PHE B 23 20.45 10.42 -25.11
CA PHE B 23 20.88 9.58 -23.99
C PHE B 23 20.06 8.28 -23.78
N LEU B 24 19.10 8.05 -24.68
CA LEU B 24 18.38 6.76 -24.74
C LEU B 24 18.58 6.05 -26.08
N ALA B 25 19.56 6.51 -26.85
CA ALA B 25 19.78 5.96 -28.20
C ALA B 25 19.92 4.44 -28.26
N GLY B 26 19.03 3.80 -29.02
CA GLY B 26 19.09 2.37 -29.22
C GLY B 26 18.43 1.56 -28.13
N LYS B 27 18.06 2.21 -27.03
CA LYS B 27 17.36 1.49 -25.97
C LYS B 27 15.94 1.10 -26.37
N LYS B 28 15.57 -0.12 -26.02
CA LYS B 28 14.25 -0.66 -26.36
C LYS B 28 13.28 -0.53 -25.18
N ILE B 29 12.30 0.34 -25.33
CA ILE B 29 11.42 0.70 -24.23
C ILE B 29 9.93 0.57 -24.52
N LEU B 30 9.24 -0.15 -23.62
CA LEU B 30 7.79 -0.32 -23.68
C LEU B 30 7.07 0.75 -22.84
N ILE B 31 6.15 1.45 -23.49
CA ILE B 31 5.33 2.47 -22.80
C ILE B 31 3.87 2.05 -22.68
N THR B 32 3.35 2.08 -21.45
CA THR B 32 1.94 1.77 -21.21
C THR B 32 1.21 3.07 -20.92
N GLY B 33 -0.12 3.04 -21.02
CA GLY B 33 -0.92 4.15 -20.54
C GLY B 33 -1.10 5.32 -21.46
N LEU B 34 -0.63 5.22 -22.70
CA LEU B 34 -0.80 6.30 -23.66
C LEU B 34 -2.24 6.31 -24.14
N LEU B 35 -2.97 7.39 -23.88
CA LEU B 35 -4.38 7.44 -24.26
C LEU B 35 -4.74 8.66 -25.11
N SER B 36 -4.26 9.84 -24.71
CA SER B 36 -4.41 11.03 -25.55
C SER B 36 -3.10 11.80 -25.54
N ASN B 37 -3.06 12.92 -26.23
CA ASN B 37 -1.85 13.72 -26.29
C ASN B 37 -1.72 14.59 -25.03
N LYS B 38 -2.58 14.28 -24.06
CA LYS B 38 -2.53 14.90 -22.73
C LYS B 38 -1.94 13.93 -21.72
N SER B 39 -1.92 12.66 -22.08
CA SER B 39 -1.44 11.61 -21.18
C SER B 39 0.01 11.85 -20.75
N ILE B 40 0.28 11.62 -19.47
CA ILE B 40 1.66 11.62 -18.98
C ILE B 40 2.53 10.72 -19.88
N ALA B 41 1.96 9.59 -20.30
CA ALA B 41 2.64 8.67 -21.20
C ALA B 41 3.03 9.35 -22.50
N TYR B 42 2.26 10.35 -22.91
CA TYR B 42 2.56 11.08 -24.14
C TYR B 42 3.82 11.94 -23.98
N GLY B 43 3.95 12.59 -22.81
CA GLY B 43 5.14 13.33 -22.50
C GLY B 43 6.34 12.41 -22.42
N ILE B 44 6.15 11.24 -21.80
CA ILE B 44 7.23 10.28 -21.72
C ILE B 44 7.67 9.85 -23.12
N ALA B 45 6.70 9.59 -23.99
CA ALA B 45 6.98 9.19 -25.36
C ALA B 45 7.78 10.27 -26.08
N LYS B 46 7.29 11.52 -26.06
CA LYS B 46 8.01 12.64 -26.68
C LYS B 46 9.45 12.75 -26.21
N ALA B 47 9.62 12.65 -24.89
CA ALA B 47 10.95 12.77 -24.30
C ALA B 47 11.89 11.65 -24.75
N MET B 48 11.41 10.40 -24.66
CA MET B 48 12.26 9.26 -24.97
C MET B 48 12.56 9.16 -26.46
N HIS B 49 11.62 9.58 -27.30
CA HIS B 49 11.81 9.56 -28.74
C HIS B 49 12.90 10.57 -29.06
N ARG B 50 12.80 11.76 -28.46
CA ARG B 50 13.80 12.80 -28.63
C ARG B 50 15.19 12.29 -28.30
N GLU B 51 15.27 11.37 -27.33
CA GLU B 51 16.57 10.92 -26.84
C GLU B 51 17.03 9.63 -27.52
N GLY B 52 16.38 9.26 -28.62
CA GLY B 52 16.84 8.14 -29.42
C GLY B 52 16.33 6.75 -29.08
N ALA B 53 15.32 6.66 -28.21
CA ALA B 53 14.77 5.37 -27.82
C ALA B 53 13.93 4.70 -28.90
N GLU B 54 13.97 3.37 -28.94
CA GLU B 54 13.08 2.59 -29.79
C GLU B 54 11.85 2.20 -28.97
N LEU B 55 10.68 2.64 -29.41
CA LEU B 55 9.48 2.65 -28.56
C LEU B 55 8.38 1.70 -29.02
N ALA B 56 7.78 1.02 -28.05
CA ALA B 56 6.61 0.18 -28.29
C ALA B 56 5.54 0.62 -27.30
N PHE B 57 4.29 0.36 -27.63
CA PHE B 57 3.15 0.86 -26.87
C PHE B 57 2.08 -0.21 -26.65
N THR B 58 1.33 -0.07 -25.56
CA THR B 58 0.19 -0.93 -25.30
C THR B 58 -1.10 -0.09 -25.32
N TYR B 59 -2.24 -0.75 -25.46
CA TYR B 59 -3.54 -0.10 -25.34
C TYR B 59 -4.55 -1.06 -24.69
N VAL B 60 -5.63 -0.50 -24.13
CA VAL B 60 -6.71 -1.37 -23.67
C VAL B 60 -7.72 -1.62 -24.79
N GLY B 61 -8.06 -2.89 -24.96
CA GLY B 61 -9.10 -3.33 -25.88
C GLY B 61 -9.53 -2.37 -26.96
N GLN B 62 -10.47 -1.48 -26.64
CA GLN B 62 -11.19 -0.74 -27.66
C GLN B 62 -10.52 0.56 -28.12
N PHE B 63 -9.54 1.04 -27.35
CA PHE B 63 -8.82 2.25 -27.72
C PHE B 63 -7.74 1.96 -28.79
N LYS B 64 -7.80 0.78 -29.39
CA LYS B 64 -6.81 0.32 -30.36
C LYS B 64 -6.47 1.34 -31.44
N ASP B 65 -7.47 1.74 -32.23
CA ASP B 65 -7.19 2.61 -33.38
C ASP B 65 -6.81 4.00 -32.93
N ARG B 66 -7.44 4.45 -31.85
CA ARG B 66 -7.13 5.72 -31.21
C ARG B 66 -5.66 5.84 -30.79
N VAL B 67 -5.19 4.86 -30.03
CA VAL B 67 -3.78 4.84 -29.60
C VAL B 67 -2.86 4.59 -30.79
N GLU B 68 -3.28 3.73 -31.72
CA GLU B 68 -2.49 3.45 -32.91
C GLU B 68 -2.21 4.70 -33.74
N LYS B 69 -3.22 5.53 -33.96
CA LYS B 69 -3.03 6.79 -34.67
C LYS B 69 -2.08 7.65 -33.86
N LEU B 70 -2.34 7.74 -32.56
CA LEU B 70 -1.64 8.68 -31.70
C LEU B 70 -0.14 8.43 -31.64
N CYS B 71 0.25 7.16 -31.59
CA CYS B 71 1.65 6.85 -31.31
C CYS B 71 2.49 6.63 -32.56
N ALA B 72 1.82 6.64 -33.70
CA ALA B 72 2.50 6.57 -34.99
C ALA B 72 3.67 7.55 -35.06
N GLU B 73 3.43 8.78 -34.58
CA GLU B 73 4.46 9.82 -34.64
C GLU B 73 5.75 9.43 -33.90
N PHE B 74 5.72 8.33 -33.16
CA PHE B 74 6.90 7.86 -32.45
C PHE B 74 7.57 6.66 -33.10
N ASN B 75 7.23 6.37 -34.35
CA ASN B 75 7.83 5.25 -35.09
C ASN B 75 7.89 3.98 -34.27
N PRO B 76 6.75 3.54 -33.71
CA PRO B 76 6.73 2.41 -32.78
C PRO B 76 7.11 1.06 -33.40
N ALA B 77 7.93 0.29 -32.69
CA ALA B 77 8.30 -1.05 -33.12
C ALA B 77 7.10 -2.01 -33.01
N ALA B 78 6.18 -1.71 -32.12
CA ALA B 78 4.94 -2.49 -31.98
C ALA B 78 3.93 -1.70 -31.18
N VAL B 79 2.66 -1.94 -31.47
CA VAL B 79 1.56 -1.41 -30.69
C VAL B 79 0.65 -2.58 -30.39
N LEU B 80 0.60 -2.97 -29.11
CA LEU B 80 0.00 -4.23 -28.70
C LEU B 80 -1.10 -4.08 -27.64
N PRO B 81 -2.04 -5.01 -27.63
CA PRO B 81 -3.10 -4.91 -26.61
C PRO B 81 -2.58 -5.33 -25.26
N CYS B 82 -2.94 -4.62 -24.20
CA CYS B 82 -2.67 -5.14 -22.88
C CYS B 82 -3.55 -4.54 -21.81
N ASP B 83 -4.63 -5.25 -21.48
CA ASP B 83 -5.42 -4.92 -20.31
C ASP B 83 -4.84 -5.67 -19.12
N VAL B 84 -4.18 -4.93 -18.22
CA VAL B 84 -3.43 -5.53 -17.10
C VAL B 84 -4.32 -6.31 -16.11
N ILE B 85 -5.62 -6.14 -16.25
CA ILE B 85 -6.61 -6.98 -15.59
C ILE B 85 -6.39 -8.48 -15.86
N SER B 86 -5.81 -8.79 -17.02
CA SER B 86 -5.73 -10.15 -17.52
C SER B 86 -4.32 -10.71 -17.52
N ASP B 87 -4.09 -11.81 -16.81
CA ASP B 87 -2.77 -12.45 -16.81
C ASP B 87 -2.40 -12.93 -18.22
N GLN B 88 -3.41 -13.25 -19.01
CA GLN B 88 -3.20 -13.78 -20.36
C GLN B 88 -2.61 -12.72 -21.27
N GLU B 89 -3.25 -11.57 -21.32
CA GLU B 89 -2.80 -10.47 -22.18
C GLU B 89 -1.40 -10.00 -21.82
N ILE B 90 -1.07 -10.04 -20.53
CA ILE B 90 0.26 -9.60 -20.09
C ILE B 90 1.28 -10.62 -20.53
N LYS B 91 0.94 -11.89 -20.41
CA LYS B 91 1.85 -12.94 -20.86
C LYS B 91 2.07 -12.84 -22.37
N ASP B 92 0.97 -12.63 -23.10
CA ASP B 92 1.05 -12.54 -24.55
C ASP B 92 1.75 -11.27 -25.02
N LEU B 93 1.63 -10.20 -24.24
CA LEU B 93 2.30 -8.95 -24.59
C LEU B 93 3.78 -9.21 -24.78
N PHE B 94 4.35 -10.00 -23.90
CA PHE B 94 5.78 -10.21 -23.95
C PHE B 94 6.19 -11.28 -24.97
N VAL B 95 5.26 -12.18 -25.28
CA VAL B 95 5.46 -13.16 -26.34
C VAL B 95 5.56 -12.46 -27.69
N GLU B 96 4.61 -11.58 -27.98
CA GLU B 96 4.63 -10.80 -29.21
C GLU B 96 5.80 -9.82 -29.23
N LEU B 97 6.00 -9.11 -28.13
CA LEU B 97 7.11 -8.15 -28.08
C LEU B 97 8.42 -8.88 -28.33
N GLY B 98 8.50 -10.12 -27.86
CA GLY B 98 9.71 -10.92 -28.03
C GLY B 98 9.91 -11.41 -29.46
N LYS B 99 8.88 -11.30 -30.30
CA LYS B 99 9.01 -11.63 -31.71
C LYS B 99 9.61 -10.46 -32.48
N VAL B 100 9.65 -9.30 -31.82
CA VAL B 100 10.10 -8.08 -32.47
C VAL B 100 11.45 -7.62 -31.92
N TRP B 101 11.65 -7.81 -30.62
CA TRP B 101 12.89 -7.43 -29.95
C TRP B 101 13.57 -8.64 -29.29
N ASP B 102 14.89 -8.70 -29.33
CA ASP B 102 15.61 -9.74 -28.62
C ASP B 102 15.49 -9.52 -27.12
N GLY B 103 15.85 -8.33 -26.67
CA GLY B 103 15.75 -7.98 -25.26
C GLY B 103 15.03 -6.66 -25.05
N LEU B 104 14.84 -6.31 -23.79
CA LEU B 104 14.07 -5.13 -23.48
C LEU B 104 14.82 -4.26 -22.48
N ASP B 105 14.91 -2.96 -22.76
CA ASP B 105 15.63 -2.05 -21.88
C ASP B 105 14.80 -1.45 -20.74
N ALA B 106 13.55 -1.08 -21.01
CA ALA B 106 12.72 -0.58 -19.92
C ALA B 106 11.23 -0.82 -20.09
N ILE B 107 10.55 -0.87 -18.94
CA ILE B 107 9.10 -0.81 -18.92
C ILE B 107 8.64 0.43 -18.18
N VAL B 108 7.76 1.18 -18.84
CA VAL B 108 7.20 2.37 -18.27
C VAL B 108 5.76 2.07 -17.93
N HIS B 109 5.45 2.10 -16.64
CA HIS B 109 4.10 1.83 -16.17
C HIS B 109 3.47 3.18 -15.86
N SER B 110 2.45 3.52 -16.63
CA SER B 110 1.78 4.80 -16.50
C SER B 110 0.29 4.55 -16.61
N ILE B 111 -0.24 3.80 -15.65
CA ILE B 111 -1.61 3.34 -15.68
C ILE B 111 -2.12 3.15 -14.28
N ALA B 112 -3.38 3.52 -14.07
CA ALA B 112 -4.06 3.27 -12.80
C ALA B 112 -5.56 3.18 -13.08
N PHE B 113 -6.30 2.59 -12.15
CA PHE B 113 -7.75 2.63 -12.20
C PHE B 113 -8.38 2.29 -10.84
N ALA B 114 -9.42 3.05 -10.51
CA ALA B 114 -10.32 2.68 -9.42
C ALA B 114 -11.72 3.07 -9.83
N PRO B 115 -12.72 2.30 -9.39
CA PRO B 115 -14.09 2.67 -9.77
C PRO B 115 -14.37 4.09 -9.32
N ARG B 116 -15.20 4.80 -10.06
CA ARG B 116 -15.51 6.19 -9.77
C ARG B 116 -15.97 6.42 -8.33
N ASP B 117 -16.74 5.48 -7.78
CA ASP B 117 -17.30 5.64 -6.42
C ASP B 117 -16.25 5.51 -5.34
N GLN B 118 -15.00 5.30 -5.75
CA GLN B 118 -13.90 5.15 -4.81
C GLN B 118 -13.14 6.46 -4.69
N LEU B 119 -13.58 7.45 -5.46
CA LEU B 119 -12.79 8.65 -5.68
C LEU B 119 -13.59 9.90 -5.36
N GLU B 120 -14.67 9.73 -4.61
CA GLU B 120 -15.48 10.85 -4.17
C GLU B 120 -15.92 10.65 -2.72
N GLY B 121 -16.11 11.75 -2.01
CA GLY B 121 -16.71 11.71 -0.69
C GLY B 121 -15.79 11.23 0.41
N ASN B 122 -16.37 11.01 1.58
CA ASN B 122 -15.66 10.49 2.74
C ASN B 122 -15.08 9.11 2.42
N PHE B 123 -13.81 8.90 2.75
CA PHE B 123 -13.16 7.64 2.40
C PHE B 123 -13.85 6.41 2.99
N ILE B 124 -14.29 6.51 4.24
CA ILE B 124 -14.89 5.38 4.92
C ILE B 124 -16.31 5.11 4.42
N ASP B 125 -17.08 6.16 4.14
CA ASP B 125 -18.38 5.98 3.51
C ASP B 125 -18.24 5.25 2.18
N CYS B 126 -17.31 5.69 1.36
CA CYS B 126 -17.25 5.28 -0.06
CA CYS B 126 -17.28 5.25 -0.04
C CYS B 126 -16.52 3.96 -0.31
N VAL B 127 -15.45 3.72 0.44
CA VAL B 127 -14.62 2.55 0.17
C VAL B 127 -15.43 1.25 0.19
N THR B 128 -15.12 0.32 -0.72
CA THR B 128 -15.75 -1.00 -0.73
C THR B 128 -14.69 -2.07 -0.93
N ARG B 129 -14.99 -3.30 -0.51
CA ARG B 129 -14.05 -4.39 -0.64
C ARG B 129 -13.54 -4.61 -2.07
N GLU B 130 -14.46 -4.63 -3.04
CA GLU B 130 -14.11 -4.89 -4.43
C GLU B 130 -13.39 -3.71 -5.09
N GLY B 131 -13.88 -2.50 -4.84
CA GLY B 131 -13.24 -1.29 -5.34
C GLY B 131 -11.80 -1.17 -4.88
N PHE B 132 -11.59 -1.43 -3.59
CA PHE B 132 -10.27 -1.53 -3.00
C PHE B 132 -9.47 -2.59 -3.75
N SER B 133 -10.06 -3.76 -3.95
CA SER B 133 -9.37 -4.86 -4.63
C SER B 133 -8.97 -4.46 -6.04
N ILE B 134 -9.87 -3.74 -6.72
CA ILE B 134 -9.71 -3.44 -8.13
C ILE B 134 -8.69 -2.32 -8.31
N ALA B 135 -8.82 -1.30 -7.48
CA ALA B 135 -7.84 -0.23 -7.46
C ALA B 135 -6.45 -0.80 -7.31
N HIS B 136 -6.29 -1.76 -6.40
CA HIS B 136 -4.98 -2.37 -6.15
C HIS B 136 -4.51 -3.29 -7.28
N ASP B 137 -5.43 -4.09 -7.79
CA ASP B 137 -5.15 -5.03 -8.87
C ASP B 137 -4.55 -4.28 -10.04
N ILE B 138 -5.21 -3.22 -10.45
CA ILE B 138 -4.80 -2.52 -11.66
C ILE B 138 -3.71 -1.49 -11.42
N SER B 139 -3.78 -0.77 -10.31
CA SER B 139 -2.84 0.33 -10.09
C SER B 139 -1.53 -0.10 -9.45
N ALA B 140 -1.52 -1.24 -8.77
CA ALA B 140 -0.33 -1.65 -8.01
C ALA B 140 0.20 -2.99 -8.48
N TYR B 141 -0.65 -4.01 -8.44
CA TYR B 141 -0.22 -5.34 -8.83
C TYR B 141 0.27 -5.42 -10.28
N SER B 142 -0.31 -4.61 -11.16
CA SER B 142 0.04 -4.68 -12.58
C SER B 142 1.52 -4.36 -12.81
N PHE B 143 2.06 -3.49 -11.98
CA PHE B 143 3.47 -3.16 -12.06
C PHE B 143 4.35 -4.38 -11.83
N ALA B 144 4.01 -5.20 -10.84
CA ALA B 144 4.84 -6.34 -10.53
C ALA B 144 4.57 -7.46 -11.51
N ALA B 145 3.39 -7.43 -12.12
CA ALA B 145 3.02 -8.43 -13.13
C ALA B 145 3.83 -8.19 -14.40
N LEU B 146 3.97 -6.92 -14.78
CA LEU B 146 4.78 -6.56 -15.93
C LEU B 146 6.23 -6.93 -15.68
N ALA B 147 6.68 -6.71 -14.45
CA ALA B 147 8.05 -7.06 -14.06
C ALA B 147 8.28 -8.56 -14.18
N LYS B 148 7.29 -9.33 -13.77
CA LYS B 148 7.38 -10.80 -13.72
C LYS B 148 7.55 -11.35 -15.11
N GLU B 149 6.72 -10.87 -16.02
CA GLU B 149 6.75 -11.37 -17.38
C GLU B 149 7.87 -10.76 -18.21
N GLY B 150 8.22 -9.51 -17.93
CA GLY B 150 9.22 -8.83 -18.76
C GLY B 150 10.64 -9.16 -18.36
N ARG B 151 10.79 -9.70 -17.14
CA ARG B 151 12.10 -9.89 -16.54
C ARG B 151 13.13 -10.54 -17.46
N SER B 152 12.73 -11.63 -18.13
CA SER B 152 13.64 -12.41 -18.94
C SER B 152 14.24 -11.58 -20.08
N MET B 153 13.43 -10.71 -20.67
CA MET B 153 13.93 -9.82 -21.72
C MET B 153 14.83 -8.69 -21.17
N MET B 154 14.70 -8.41 -19.87
CA MET B 154 15.40 -7.29 -19.25
C MET B 154 16.70 -7.66 -18.58
N LYS B 155 16.90 -8.95 -18.37
CA LYS B 155 18.07 -9.47 -17.68
C LYS B 155 19.37 -8.92 -18.25
N ASN B 156 20.25 -8.46 -17.36
CA ASN B 156 21.64 -8.16 -17.71
C ASN B 156 21.84 -7.13 -18.82
N ARG B 157 21.25 -5.96 -18.68
CA ARG B 157 21.47 -4.91 -19.65
C ARG B 157 21.16 -3.53 -19.11
N ASN B 158 21.39 -3.33 -17.81
CA ASN B 158 21.09 -2.04 -17.19
C ASN B 158 19.67 -1.64 -17.52
N ALA B 159 18.75 -2.59 -17.44
CA ALA B 159 17.35 -2.34 -17.76
C ALA B 159 16.71 -1.47 -16.69
N SER B 160 15.52 -0.95 -16.95
CA SER B 160 14.86 -0.05 -16.02
C SER B 160 13.35 -0.25 -15.99
N MET B 161 12.72 0.10 -14.86
CA MET B 161 11.27 0.21 -14.76
C MET B 161 10.93 1.51 -14.05
N VAL B 162 9.90 2.20 -14.51
CA VAL B 162 9.42 3.39 -13.84
C VAL B 162 7.90 3.38 -13.74
N ALA B 163 7.40 3.72 -12.56
CA ALA B 163 5.96 3.81 -12.35
C ALA B 163 5.58 5.23 -12.00
N LEU B 164 4.36 5.59 -12.32
CA LEU B 164 3.85 6.88 -11.91
C LEU B 164 2.99 6.79 -10.66
N THR B 165 3.29 7.66 -9.69
CA THR B 165 2.56 7.69 -8.46
C THR B 165 2.16 9.12 -8.15
N TYR B 166 1.54 9.32 -6.99
CA TYR B 166 1.03 10.61 -6.58
C TYR B 166 1.21 10.72 -5.08
N ILE B 167 1.28 11.94 -4.58
CA ILE B 167 1.54 12.20 -3.18
C ILE B 167 0.40 11.64 -2.31
N GLY B 168 -0.71 11.27 -2.95
CA GLY B 168 -1.84 10.66 -2.25
C GLY B 168 -1.48 9.36 -1.55
N ALA B 169 -0.38 8.74 -1.97
CA ALA B 169 0.17 7.56 -1.30
C ALA B 169 0.78 7.86 0.10
N GLU B 170 1.40 9.02 0.23
CA GLU B 170 2.18 9.36 1.41
C GLU B 170 1.31 10.04 2.46
N LYS B 171 0.37 10.86 1.99
CA LYS B 171 -0.50 11.64 2.85
C LYS B 171 -1.95 11.39 2.47
N ALA B 172 -2.82 11.39 3.46
CA ALA B 172 -4.25 11.29 3.21
C ALA B 172 -4.73 12.61 2.63
N MET B 173 -5.67 12.57 1.70
CA MET B 173 -6.20 13.80 1.14
C MET B 173 -7.63 13.59 0.69
N PRO B 174 -8.38 14.68 0.49
CA PRO B 174 -9.79 14.49 0.17
C PRO B 174 -9.93 13.92 -1.23
N SER B 175 -10.96 13.09 -1.44
CA SER B 175 -11.31 12.53 -2.74
C SER B 175 -10.45 11.36 -3.21
N TYR B 176 -9.14 11.54 -3.19
CA TYR B 176 -8.24 10.55 -3.81
C TYR B 176 -8.45 9.19 -3.17
N ASN B 177 -8.71 9.18 -1.87
CA ASN B 177 -9.24 7.99 -1.21
C ASN B 177 -8.53 6.68 -1.54
N THR B 178 -9.29 5.70 -2.02
CA THR B 178 -8.75 4.35 -2.18
C THR B 178 -7.68 4.26 -3.27
N MET B 179 -7.65 5.24 -4.18
CA MET B 179 -6.53 5.38 -5.11
C MET B 179 -5.25 5.76 -4.35
N GLY B 180 -5.39 6.61 -3.35
CA GLY B 180 -4.27 6.95 -2.49
C GLY B 180 -3.68 5.72 -1.83
N VAL B 181 -4.55 4.86 -1.30
CA VAL B 181 -4.12 3.62 -0.66
C VAL B 181 -3.46 2.69 -1.67
N ALA B 182 -3.99 2.69 -2.90
CA ALA B 182 -3.43 1.85 -3.97
C ALA B 182 -2.05 2.35 -4.42
N LYS B 183 -1.88 3.67 -4.45
CA LYS B 183 -0.57 4.25 -4.76
C LYS B 183 0.51 3.89 -3.72
N ALA B 184 0.11 3.81 -2.44
CA ALA B 184 1.05 3.39 -1.41
C ALA B 184 1.48 1.94 -1.59
N SER B 185 0.53 1.09 -1.92
CA SER B 185 0.83 -0.28 -2.32
C SER B 185 1.78 -0.26 -3.52
N LEU B 186 1.49 0.60 -4.49
CA LEU B 186 2.34 0.70 -5.68
C LEU B 186 3.77 1.07 -5.32
N GLU B 187 3.94 2.12 -4.51
CA GLU B 187 5.28 2.55 -4.13
C GLU B 187 6.04 1.44 -3.40
N ALA B 188 5.33 0.67 -2.57
CA ALA B 188 5.96 -0.46 -1.88
C ALA B 188 6.32 -1.56 -2.86
N THR B 189 5.45 -1.75 -3.85
CA THR B 189 5.69 -2.75 -4.88
C THR B 189 6.94 -2.40 -5.66
N VAL B 190 7.10 -1.11 -5.93
CA VAL B 190 8.33 -0.59 -6.57
C VAL B 190 9.58 -0.92 -5.75
N ARG B 191 9.53 -0.71 -4.44
CA ARG B 191 10.66 -1.06 -3.57
C ARG B 191 10.93 -2.56 -3.57
N TYR B 192 9.91 -3.38 -3.32
CA TYR B 192 10.10 -4.83 -3.36
C TYR B 192 10.56 -5.32 -4.74
N THR B 193 10.07 -4.68 -5.79
CA THR B 193 10.47 -5.04 -7.16
C THR B 193 11.94 -4.67 -7.40
N ALA B 194 12.34 -3.50 -6.92
CA ALA B 194 13.73 -3.08 -6.98
C ALA B 194 14.65 -4.09 -6.29
N LEU B 195 14.26 -4.55 -5.10
CA LEU B 195 15.05 -5.56 -4.39
C LEU B 195 15.16 -6.83 -5.19
N ALA B 196 14.02 -7.32 -5.67
CA ALA B 196 13.95 -8.60 -6.39
C ALA B 196 14.75 -8.63 -7.69
N LEU B 197 14.71 -7.53 -8.46
CA LEU B 197 15.30 -7.53 -9.80
C LEU B 197 16.69 -6.91 -9.89
N GLY B 198 17.16 -6.36 -8.77
CA GLY B 198 18.46 -5.72 -8.72
C GLY B 198 19.60 -6.62 -9.15
N GLU B 199 19.55 -7.87 -8.72
CA GLU B 199 20.55 -8.86 -9.07
C GLU B 199 20.67 -9.04 -10.58
N ASP B 200 19.62 -8.65 -11.31
CA ASP B 200 19.66 -8.74 -12.75
C ASP B 200 20.03 -7.40 -13.39
N GLY B 201 20.44 -6.44 -12.57
CA GLY B 201 20.88 -5.15 -13.05
C GLY B 201 19.72 -4.26 -13.47
N ILE B 202 18.51 -4.63 -13.08
CA ILE B 202 17.33 -3.85 -13.43
C ILE B 202 17.08 -2.85 -12.32
N LYS B 203 16.97 -1.57 -12.67
CA LYS B 203 16.64 -0.56 -11.66
C LYS B 203 15.17 -0.20 -11.78
N VAL B 204 14.58 0.10 -10.63
CA VAL B 204 13.13 0.19 -10.51
C VAL B 204 12.77 1.40 -9.65
N ASN B 205 12.09 2.37 -10.25
CA ASN B 205 11.86 3.65 -9.59
C ASN B 205 10.46 4.17 -9.87
N ALA B 206 10.10 5.28 -9.24
CA ALA B 206 8.80 5.89 -9.48
C ALA B 206 8.95 7.39 -9.56
N VAL B 207 8.05 8.00 -10.33
CA VAL B 207 8.00 9.44 -10.43
C VAL B 207 6.68 9.85 -9.80
N SER B 208 6.74 10.70 -8.78
CA SER B 208 5.53 11.17 -8.15
C SER B 208 5.16 12.50 -8.76
N ALA B 209 4.17 12.47 -9.64
CA ALA B 209 3.83 13.64 -10.44
C ALA B 209 2.82 14.53 -9.72
N GLY B 210 3.00 15.84 -9.84
CA GLY B 210 1.98 16.78 -9.38
C GLY B 210 0.77 16.68 -10.28
N PRO B 211 -0.33 17.38 -9.93
CA PRO B 211 -1.57 17.33 -10.70
C PRO B 211 -1.41 17.84 -12.14
N ILE B 212 -1.84 17.04 -13.10
CA ILE B 212 -1.79 17.40 -14.53
C ILE B 212 -3.13 17.08 -15.20
N LYS B 213 -3.63 18.02 -15.99
CA LYS B 213 -4.96 17.86 -16.55
C LYS B 213 -4.99 16.81 -17.64
N THR B 214 -5.20 15.56 -17.25
CA THR B 214 -5.28 14.45 -18.18
C THR B 214 -6.72 13.93 -18.24
N LEU B 215 -6.95 12.94 -19.09
CA LEU B 215 -8.28 12.35 -19.18
C LEU B 215 -8.69 11.78 -17.84
N ALA B 216 -7.79 11.00 -17.24
CA ALA B 216 -8.08 10.30 -15.98
C ALA B 216 -8.39 11.27 -14.85
N ALA B 217 -7.85 12.48 -14.97
CA ALA B 217 -7.99 13.48 -13.93
C ALA B 217 -9.43 13.91 -13.72
N SER B 218 -10.21 13.97 -14.80
CA SER B 218 -11.61 14.36 -14.66
C SER B 218 -12.39 13.39 -13.77
N GLY B 219 -11.81 12.21 -13.55
CA GLY B 219 -12.42 11.22 -12.68
C GLY B 219 -12.24 11.54 -11.21
N ILE B 220 -11.41 12.54 -10.92
CA ILE B 220 -11.19 12.96 -9.55
C ILE B 220 -12.03 14.17 -9.20
N SER B 221 -12.91 14.00 -8.21
CA SER B 221 -13.81 15.05 -7.74
C SER B 221 -13.07 16.36 -7.48
N ASN B 222 -11.97 16.27 -6.76
CA ASN B 222 -11.25 17.42 -6.24
C ASN B 222 -10.31 18.09 -7.24
N PHE B 223 -10.24 17.56 -8.46
CA PHE B 223 -9.09 17.88 -9.31
C PHE B 223 -8.81 19.34 -9.59
N LYS B 224 -9.84 20.11 -9.95
CA LYS B 224 -9.62 21.53 -10.22
C LYS B 224 -8.97 22.19 -9.01
N LYS B 225 -9.52 21.90 -7.84
CA LYS B 225 -8.98 22.44 -6.59
C LYS B 225 -7.53 22.00 -6.40
N MET B 226 -7.29 20.70 -6.46
CA MET B 226 -5.93 20.17 -6.31
C MET B 226 -4.97 20.93 -7.22
N LEU B 227 -5.31 21.02 -8.49
CA LEU B 227 -4.49 21.71 -9.49
C LEU B 227 -4.17 23.12 -9.03
N ASP B 228 -5.21 23.92 -8.79
CA ASP B 228 -5.06 25.30 -8.34
C ASP B 228 -4.23 25.41 -7.06
N TYR B 229 -4.41 24.45 -6.18
CA TYR B 229 -3.77 24.50 -4.86
C TYR B 229 -2.27 24.26 -4.99
N ASN B 230 -1.89 23.35 -5.88
CA ASN B 230 -0.48 23.10 -6.10
C ASN B 230 0.24 24.34 -6.57
N ALA B 231 -0.35 25.04 -7.53
CA ALA B 231 0.27 26.23 -8.07
C ALA B 231 0.52 27.28 -6.99
N MET B 232 -0.46 27.48 -6.11
CA MET B 232 -0.32 28.52 -5.10
C MET B 232 0.67 28.19 -4.00
N VAL B 233 0.67 26.93 -3.58
CA VAL B 233 1.47 26.49 -2.44
C VAL B 233 2.89 26.11 -2.85
N SER B 234 3.06 25.61 -4.07
CA SER B 234 4.35 25.11 -4.50
C SER B 234 5.42 26.19 -4.47
N PRO B 235 6.65 25.79 -4.13
CA PRO B 235 7.77 26.72 -4.17
C PRO B 235 7.95 27.37 -5.56
N LEU B 236 7.83 26.59 -6.62
CA LEU B 236 8.03 27.16 -7.96
C LEU B 236 6.77 27.85 -8.47
N LYS B 237 5.74 27.91 -7.63
CA LYS B 237 4.54 28.67 -7.94
C LYS B 237 4.04 28.31 -9.33
N LYS B 238 3.98 27.02 -9.63
CA LYS B 238 3.39 26.60 -10.90
C LYS B 238 2.97 25.16 -10.82
N ASN B 239 2.27 24.73 -11.86
CA ASN B 239 1.91 23.34 -12.04
C ASN B 239 2.93 22.74 -12.97
N VAL B 240 3.08 21.43 -12.94
CA VAL B 240 4.04 20.80 -13.83
C VAL B 240 3.36 20.40 -15.13
N ASP B 241 4.15 19.95 -16.08
CA ASP B 241 3.64 19.53 -17.37
C ASP B 241 4.23 18.18 -17.74
N ILE B 242 3.71 17.59 -18.81
CA ILE B 242 4.06 16.22 -19.12
C ILE B 242 5.48 16.08 -19.59
N MET B 243 6.08 17.17 -20.03
CA MET B 243 7.47 17.10 -20.46
C MET B 243 8.43 17.07 -19.25
N GLU B 244 8.15 17.86 -18.23
CA GLU B 244 8.91 17.73 -16.99
C GLU B 244 8.81 16.30 -16.49
N VAL B 245 7.60 15.77 -16.38
CA VAL B 245 7.45 14.38 -15.98
C VAL B 245 8.14 13.42 -16.97
N GLY B 246 7.82 13.55 -18.26
CA GLY B 246 8.40 12.67 -19.25
C GLY B 246 9.91 12.67 -19.24
N ASN B 247 10.50 13.86 -19.15
CA ASN B 247 11.94 14.01 -19.13
C ASN B 247 12.56 13.28 -17.94
N THR B 248 11.89 13.37 -16.80
CA THR B 248 12.37 12.70 -15.61
C THR B 248 12.28 11.19 -15.76
N VAL B 249 11.15 10.69 -16.26
CA VAL B 249 11.04 9.26 -16.54
C VAL B 249 12.12 8.82 -17.54
N ALA B 250 12.34 9.63 -18.57
CA ALA B 250 13.39 9.33 -19.55
C ALA B 250 14.75 9.14 -18.88
N PHE B 251 15.16 10.12 -18.08
CA PHE B 251 16.42 10.06 -17.34
C PHE B 251 16.51 8.78 -16.52
N LEU B 252 15.40 8.41 -15.89
CA LEU B 252 15.38 7.23 -15.01
C LEU B 252 15.47 5.91 -15.78
N CYS B 253 15.38 5.97 -17.11
CA CYS B 253 15.63 4.80 -17.94
C CYS B 253 16.99 4.87 -18.67
N SER B 254 17.86 5.79 -18.26
CA SER B 254 19.16 6.01 -18.90
C SER B 254 20.32 5.42 -18.11
N ASP B 255 21.47 5.29 -18.76
CA ASP B 255 22.69 4.82 -18.11
C ASP B 255 23.23 5.84 -17.11
N MET B 256 22.74 7.06 -17.17
CA MET B 256 23.17 8.08 -16.23
C MET B 256 22.56 7.79 -14.86
N ALA B 257 21.47 7.03 -14.85
CA ALA B 257 20.72 6.80 -13.63
C ALA B 257 20.92 5.41 -13.00
N THR B 258 22.02 4.75 -13.33
CA THR B 258 22.25 3.38 -12.86
C THR B 258 22.59 3.26 -11.38
N GLY B 259 22.71 4.38 -10.67
CA GLY B 259 22.96 4.31 -9.25
C GLY B 259 21.66 4.48 -8.48
N ILE B 260 20.57 4.64 -9.22
CA ILE B 260 19.28 4.98 -8.63
C ILE B 260 18.31 3.81 -8.72
N THR B 261 17.76 3.39 -7.58
CA THR B 261 16.74 2.36 -7.61
C THR B 261 15.96 2.36 -6.30
N GLY B 262 14.70 1.91 -6.36
CA GLY B 262 13.78 1.96 -5.24
C GLY B 262 13.42 3.36 -4.81
N GLU B 263 13.71 4.33 -5.69
CA GLU B 263 13.53 5.74 -5.37
C GLU B 263 12.19 6.28 -5.89
N VAL B 264 11.63 7.24 -5.16
CA VAL B 264 10.50 8.04 -5.62
C VAL B 264 10.97 9.46 -5.84
N VAL B 265 10.88 9.92 -7.08
CA VAL B 265 11.26 11.28 -7.43
C VAL B 265 10.00 12.13 -7.64
N HIS B 266 9.85 13.19 -6.85
CA HIS B 266 8.71 14.09 -7.02
C HIS B 266 8.97 15.10 -8.11
N VAL B 267 8.10 15.11 -9.12
CA VAL B 267 8.14 16.13 -10.14
C VAL B 267 6.84 16.89 -9.97
N ASP B 268 6.85 17.85 -9.06
CA ASP B 268 5.60 18.45 -8.62
C ASP B 268 5.79 19.91 -8.25
N ALA B 269 6.75 20.56 -8.91
CA ALA B 269 7.06 21.97 -8.65
C ALA B 269 7.43 22.23 -7.17
N GLY B 270 7.76 21.16 -6.44
CA GLY B 270 8.19 21.27 -5.06
C GLY B 270 7.11 21.08 -4.01
N TYR B 271 5.89 20.75 -4.43
CA TYR B 271 4.76 20.64 -3.51
C TYR B 271 5.05 19.75 -2.32
N HIS B 272 5.73 18.63 -2.57
CA HIS B 272 5.99 17.63 -1.53
C HIS B 272 6.82 18.16 -0.35
N CYS B 273 7.66 19.17 -0.55
CA CYS B 273 8.59 19.57 0.51
C CYS B 273 8.09 20.67 1.45
N VAL B 274 6.91 21.21 1.18
CA VAL B 274 6.41 22.33 1.96
C VAL B 274 5.21 21.91 2.81
N SER B 275 4.91 22.72 3.81
CA SER B 275 3.69 22.55 4.60
C SER B 275 3.09 23.94 4.75
N MET B 276 1.79 24.08 4.51
CA MET B 276 1.15 25.39 4.52
C MET B 276 1.52 26.25 3.30
N GLY B 277 0.69 27.24 3.04
CA GLY B 277 0.89 28.14 1.91
C GLY B 277 -0.44 28.76 1.49
#